data_9LL0
#
_entry.id   9LL0
#
_cell.length_a   1.00
_cell.length_b   1.00
_cell.length_c   1.00
_cell.angle_alpha   90.00
_cell.angle_beta   90.00
_cell.angle_gamma   90.00
#
_symmetry.space_group_name_H-M   'P 1'
#
loop_
_entity.id
_entity.type
_entity.pdbx_description
1 polymer 'Glucose-6-phosphate exchanger SLC37A4'
2 non-polymer 6-O-phosphono-beta-D-glucopyranose
#
_entity_poly.entity_id   1
_entity_poly.type   'polypeptide(L)'
_entity_poly.pdbx_seq_one_letter_code
;GYGYYRTVIFSAMFGGYSLYYFNRKTFSFVMPSLVEEIPLDKDDLGFITSSQSAAYAISKFVSGVLSDQMSARWLFSSGL
LLVGLVNIFFAWSSTVPVFAALWFLNGLAQGLGWPPCGKVLRKWFEPSQFGTWWAILSTSMNLAGGLGPILATILAQSYS
WRSTLALSGALCVVVSFLCLLLIHNEPADVGLRNLDPMPSEGKKGSLKEESTLQELLLSPYLWVLSTGYLVVFGVKTCCT
DWGQFFLIQEKGQSALVGSSYMSALEVGGLVGSIAAGYLSDRAMAKAGLSNYGNPRHGLLLFMMAGMTVSMYLFRVTVTS
DSPKLWILVLGAVFGFSSYGPIALFGVIANESAPPNLCGTSHAIVGLMANVGGFLAGLPFSTIAKHYSWSTAFWVAEVIC
AASTAAFFLLRNIRTKMGRV
;
_entity_poly.pdbx_strand_id   A
#
loop_
_chem_comp.id
_chem_comp.type
_chem_comp.name
_chem_comp.formula
BG6 D-saccharide, beta linking 6-O-phosphono-beta-D-glucopyranose 'C6 H13 O9 P'
#
# COMPACT_ATOMS: atom_id res chain seq x y z
N GLY A 1 -19.12 22.10 -16.38
CA GLY A 1 -19.24 23.50 -16.01
C GLY A 1 -19.84 23.71 -14.64
N TYR A 2 -19.38 22.88 -13.70
CA TYR A 2 -19.84 23.00 -12.29
C TYR A 2 -18.70 23.59 -11.48
N GLY A 3 -19.02 24.26 -10.38
CA GLY A 3 -18.04 24.91 -9.55
C GLY A 3 -18.13 24.51 -8.10
N TYR A 4 -16.95 24.36 -7.48
CA TYR A 4 -16.76 24.23 -6.04
C TYR A 4 -17.21 22.88 -5.51
N TYR A 5 -18.00 22.15 -6.30
CA TYR A 5 -18.32 20.77 -5.95
C TYR A 5 -17.09 19.88 -6.14
N ARG A 6 -16.41 20.04 -7.27
CA ARG A 6 -15.20 19.28 -7.53
C ARG A 6 -14.20 19.46 -6.38
N THR A 7 -14.00 20.71 -5.98
CA THR A 7 -13.06 21.01 -4.90
C THR A 7 -13.49 20.36 -3.59
N VAL A 8 -14.76 20.55 -3.19
CA VAL A 8 -15.20 20.05 -1.90
C VAL A 8 -15.11 18.53 -1.84
N ILE A 9 -15.67 17.84 -2.84
CA ILE A 9 -15.66 16.38 -2.81
C ILE A 9 -14.25 15.82 -2.97
N PHE A 10 -13.40 16.46 -3.78
CA PHE A 10 -12.03 15.96 -3.89
C PHE A 10 -11.26 16.12 -2.59
N SER A 11 -11.42 17.26 -1.91
CA SER A 11 -10.77 17.44 -0.62
C SER A 11 -11.29 16.43 0.39
N ALA A 12 -12.59 16.15 0.36
CA ALA A 12 -13.15 15.16 1.28
C ALA A 12 -12.56 13.78 1.03
N MET A 13 -12.44 13.37 -0.24
CA MET A 13 -11.84 12.07 -0.54
C MET A 13 -10.38 12.03 -0.10
N PHE A 14 -9.63 13.10 -0.35
CA PHE A 14 -8.23 13.14 0.08
C PHE A 14 -8.11 12.94 1.58
N GLY A 15 -8.90 13.70 2.34
CA GLY A 15 -8.85 13.56 3.79
C GLY A 15 -9.24 12.18 4.27
N GLY A 16 -10.31 11.62 3.69
CA GLY A 16 -10.75 10.31 4.12
C GLY A 16 -9.71 9.23 3.88
N TYR A 17 -9.14 9.21 2.67
CA TYR A 17 -8.17 8.16 2.37
C TYR A 17 -6.89 8.36 3.18
N SER A 18 -6.50 9.62 3.41
CA SER A 18 -5.36 9.88 4.26
C SER A 18 -5.58 9.32 5.66
N LEU A 19 -6.78 9.49 6.21
CA LEU A 19 -7.06 8.96 7.54
C LEU A 19 -7.06 7.43 7.57
N TYR A 20 -7.62 6.81 6.52
CA TYR A 20 -7.56 5.34 6.44
C TYR A 20 -6.12 4.84 6.52
N TYR A 21 -5.27 5.37 5.63
CA TYR A 21 -3.89 4.90 5.59
C TYR A 21 -3.15 5.25 6.87
N PHE A 22 -3.46 6.40 7.46
CA PHE A 22 -2.78 6.79 8.69
C PHE A 22 -3.15 5.86 9.84
N ASN A 23 -4.38 5.36 9.88
CA ASN A 23 -4.74 4.44 10.95
C ASN A 23 -4.00 3.11 10.81
N ARG A 24 -4.05 2.53 9.60
CA ARG A 24 -3.32 1.28 9.40
C ARG A 24 -1.84 1.44 9.76
N LYS A 25 -1.20 2.44 9.17
CA LYS A 25 0.19 2.62 9.52
C LYS A 25 0.42 3.21 10.90
N THR A 26 -0.61 3.68 11.61
CA THR A 26 -0.36 4.15 12.97
C THR A 26 -0.20 2.98 13.90
N PHE A 27 -0.91 1.88 13.63
CA PHE A 27 -0.49 0.64 14.30
C PHE A 27 0.94 0.30 13.89
N SER A 28 1.24 0.43 12.59
CA SER A 28 2.60 0.12 12.15
C SER A 28 3.66 0.91 12.93
N PHE A 29 3.42 2.19 13.20
CA PHE A 29 4.42 2.99 13.92
C PHE A 29 4.43 2.68 15.41
N VAL A 30 3.26 2.40 16.00
CA VAL A 30 3.26 2.16 17.45
C VAL A 30 3.74 0.76 17.78
N MET A 31 4.00 -0.07 16.77
CA MET A 31 4.54 -1.41 17.03
C MET A 31 5.78 -1.42 17.93
N PRO A 32 6.85 -0.60 17.67
CA PRO A 32 8.02 -0.67 18.55
C PRO A 32 7.76 -0.27 20.00
N SER A 33 6.98 0.80 20.21
CA SER A 33 6.66 1.20 21.58
C SER A 33 5.81 0.16 22.29
N LEU A 34 4.88 -0.47 21.56
CA LEU A 34 4.10 -1.56 22.13
C LEU A 34 4.99 -2.72 22.53
N VAL A 35 5.99 -3.03 21.70
CA VAL A 35 6.94 -4.10 22.04
C VAL A 35 7.74 -3.72 23.27
N GLU A 36 8.15 -2.45 23.38
CA GLU A 36 8.91 -2.01 24.55
C GLU A 36 8.07 -2.14 25.82
N GLU A 37 6.80 -1.77 25.76
CA GLU A 37 5.95 -1.83 26.95
C GLU A 37 5.46 -3.25 27.20
N ILE A 38 4.74 -3.83 26.24
CA ILE A 38 4.25 -5.19 26.36
C ILE A 38 5.28 -6.14 25.75
N PRO A 39 5.84 -7.07 26.52
CA PRO A 39 6.92 -7.92 25.99
C PRO A 39 6.43 -8.95 24.99
N LEU A 40 6.22 -8.53 23.75
CA LEU A 40 5.79 -9.44 22.70
C LEU A 40 6.99 -10.04 21.99
N ASP A 41 6.82 -11.26 21.50
CA ASP A 41 7.89 -11.99 20.82
C ASP A 41 8.01 -11.50 19.38
N LYS A 42 8.79 -12.21 18.56
CA LYS A 42 9.02 -11.81 17.18
C LYS A 42 7.98 -12.34 16.22
N ASP A 43 7.14 -13.28 16.71
CA ASP A 43 6.16 -13.96 15.82
C ASP A 43 4.69 -13.57 16.10
N ASP A 44 4.36 -12.86 17.19
CA ASP A 44 3.01 -12.35 17.42
C ASP A 44 2.70 -11.15 16.54
N LEU A 45 3.68 -10.26 16.36
CA LEU A 45 3.49 -9.11 15.47
C LEU A 45 3.24 -9.56 14.04
N GLY A 46 4.00 -10.55 13.58
CA GLY A 46 3.76 -11.10 12.25
C GLY A 46 2.40 -11.76 12.14
N PHE A 47 1.95 -12.40 13.22
CA PHE A 47 0.62 -13.01 13.22
C PHE A 47 -0.47 -11.95 13.06
N ILE A 48 -0.34 -10.84 13.80
CA ILE A 48 -1.32 -9.76 13.71
C ILE A 48 -1.33 -9.17 12.30
N THR A 49 -0.13 -8.90 11.76
CA THR A 49 -0.04 -8.31 10.43
C THR A 49 -0.61 -9.25 9.37
N SER A 50 -0.33 -10.55 9.48
CA SER A 50 -0.85 -11.51 8.52
C SER A 50 -2.36 -11.60 8.58
N SER A 51 -2.94 -11.59 9.80
CA SER A 51 -4.38 -11.63 9.92
C SER A 51 -5.01 -10.40 9.28
N GLN A 52 -4.45 -9.22 9.54
CA GLN A 52 -4.98 -8.01 8.93
C GLN A 52 -4.87 -8.05 7.41
N SER A 53 -3.74 -8.54 6.90
CA SER A 53 -3.55 -8.59 5.45
C SER A 53 -4.53 -9.54 4.79
N ALA A 54 -4.76 -10.72 5.39
CA ALA A 54 -5.74 -11.65 4.83
C ALA A 54 -7.14 -11.06 4.84
N ALA A 55 -7.53 -10.43 5.96
CA ALA A 55 -8.85 -9.81 6.02
C ALA A 55 -9.00 -8.72 4.98
N TYR A 56 -7.96 -7.90 4.81
CA TYR A 56 -8.01 -6.83 3.81
C TYR A 56 -8.10 -7.38 2.40
N ALA A 57 -7.38 -8.47 2.12
CA ALA A 57 -7.46 -9.08 0.80
C ALA A 57 -8.87 -9.56 0.50
N ILE A 58 -9.48 -10.26 1.46
CA ILE A 58 -10.84 -10.77 1.25
C ILE A 58 -11.82 -9.62 1.06
N SER A 59 -11.72 -8.60 1.91
CA SER A 59 -12.63 -7.47 1.83
C SER A 59 -12.47 -6.70 0.53
N LYS A 60 -11.23 -6.49 0.09
CA LYS A 60 -10.99 -5.78 -1.15
C LYS A 60 -11.52 -6.55 -2.35
N PHE A 61 -11.31 -7.88 -2.37
CA PHE A 61 -11.85 -8.67 -3.46
C PHE A 61 -13.37 -8.58 -3.50
N VAL A 62 -14.02 -8.72 -2.34
CA VAL A 62 -15.48 -8.69 -2.31
C VAL A 62 -16.00 -7.32 -2.74
N SER A 63 -15.37 -6.25 -2.25
CA SER A 63 -15.84 -4.90 -2.58
C SER A 63 -15.60 -4.57 -4.05
N GLY A 64 -14.50 -5.06 -4.63
CA GLY A 64 -14.29 -4.87 -6.05
C GLY A 64 -15.29 -5.64 -6.89
N VAL A 65 -15.65 -6.85 -6.45
CA VAL A 65 -16.61 -7.64 -7.21
C VAL A 65 -17.99 -7.01 -7.15
N LEU A 66 -18.44 -6.61 -5.94
CA LEU A 66 -19.75 -5.99 -5.75
C LEU A 66 -19.54 -4.49 -5.59
N SER A 67 -19.83 -3.72 -6.64
CA SER A 67 -19.70 -2.27 -6.61
C SER A 67 -20.89 -1.60 -7.29
N ASP A 68 -22.09 -2.11 -7.04
CA ASP A 68 -23.29 -1.51 -7.61
C ASP A 68 -24.36 -1.31 -6.54
N GLN A 69 -24.35 -2.14 -5.51
CA GLN A 69 -25.36 -2.07 -4.45
C GLN A 69 -24.86 -1.20 -3.29
N MET A 70 -24.60 0.07 -3.60
CA MET A 70 -24.09 1.01 -2.62
C MET A 70 -24.47 2.43 -3.05
N SER A 71 -24.35 3.36 -2.09
CA SER A 71 -24.60 4.75 -2.34
C SER A 71 -23.33 5.57 -2.49
N ALA A 72 -22.16 4.94 -2.32
CA ALA A 72 -20.83 5.51 -2.53
C ALA A 72 -20.46 6.57 -1.50
N ARG A 73 -21.39 6.93 -0.61
CA ARG A 73 -21.18 7.97 0.44
C ARG A 73 -21.48 7.40 1.83
N TRP A 74 -22.45 6.52 1.98
CA TRP A 74 -22.73 5.80 3.22
C TRP A 74 -21.66 4.74 3.48
N LEU A 75 -21.24 4.04 2.43
CA LEU A 75 -20.18 3.05 2.59
C LEU A 75 -18.88 3.69 3.06
N PHE A 76 -18.52 4.83 2.46
CA PHE A 76 -17.29 5.53 2.85
C PHE A 76 -17.36 5.97 4.31
N SER A 77 -18.47 6.61 4.69
CA SER A 77 -18.61 7.10 6.06
C SER A 77 -18.62 5.95 7.07
N SER A 78 -19.33 4.87 6.75
CA SER A 78 -19.37 3.72 7.65
C SER A 78 -18.00 3.07 7.80
N GLY A 79 -17.25 2.96 6.71
CA GLY A 79 -15.91 2.43 6.81
C GLY A 79 -15.01 3.30 7.68
N LEU A 80 -15.08 4.62 7.49
CA LEU A 80 -14.27 5.51 8.31
C LEU A 80 -14.64 5.40 9.78
N LEU A 81 -15.95 5.36 10.08
CA LEU A 81 -16.38 5.27 11.48
C LEU A 81 -15.95 3.94 12.09
N LEU A 82 -16.06 2.85 11.35
CA LEU A 82 -15.64 1.55 11.87
C LEU A 82 -14.14 1.51 12.13
N VAL A 83 -13.35 2.09 11.23
CA VAL A 83 -11.91 2.14 11.42
C VAL A 83 -11.57 2.94 12.67
N GLY A 84 -12.21 4.09 12.84
CA GLY A 84 -11.97 4.88 14.05
C GLY A 84 -12.35 4.13 15.31
N LEU A 85 -13.49 3.43 15.29
CA LEU A 85 -13.93 2.70 16.47
C LEU A 85 -12.99 1.56 16.82
N VAL A 86 -12.53 0.81 15.81
CA VAL A 86 -11.62 -0.29 16.11
C VAL A 86 -10.27 0.23 16.58
N ASN A 87 -9.83 1.40 16.09
CA ASN A 87 -8.61 1.98 16.64
C ASN A 87 -8.80 2.38 18.10
N ILE A 88 -9.94 3.01 18.41
CA ILE A 88 -10.20 3.42 19.80
C ILE A 88 -10.22 2.21 20.72
N PHE A 89 -10.87 1.13 20.30
CA PHE A 89 -10.90 -0.08 21.12
C PHE A 89 -9.55 -0.79 21.13
N PHE A 90 -8.72 -0.59 20.11
CA PHE A 90 -7.37 -1.12 20.12
C PHE A 90 -6.49 -0.41 21.14
N ALA A 91 -6.77 0.87 21.39
CA ALA A 91 -5.97 1.63 22.35
C ALA A 91 -6.04 1.00 23.75
N TRP A 92 -7.23 0.58 24.17
CA TRP A 92 -7.43 -0.01 25.49
C TRP A 92 -7.47 -1.54 25.38
N SER A 93 -6.28 -2.13 25.21
CA SER A 93 -6.18 -3.58 25.12
C SER A 93 -4.75 -4.00 25.43
N SER A 94 -4.61 -5.22 25.97
CA SER A 94 -3.31 -5.74 26.35
C SER A 94 -2.97 -7.06 25.66
N THR A 95 -3.89 -8.03 25.66
CA THR A 95 -3.56 -9.38 25.23
C THR A 95 -3.40 -9.46 23.71
N VAL A 96 -2.86 -10.60 23.25
CA VAL A 96 -2.56 -10.82 21.84
C VAL A 96 -3.79 -11.25 21.04
N PRO A 97 -4.63 -12.19 21.53
CA PRO A 97 -5.84 -12.52 20.75
C PRO A 97 -6.76 -11.34 20.51
N VAL A 98 -6.88 -10.44 21.49
CA VAL A 98 -7.70 -9.25 21.31
C VAL A 98 -7.10 -8.36 20.22
N PHE A 99 -5.77 -8.19 20.25
CA PHE A 99 -5.11 -7.41 19.21
C PHE A 99 -5.36 -8.01 17.83
N ALA A 100 -5.21 -9.33 17.72
CA ALA A 100 -5.39 -9.98 16.41
C ALA A 100 -6.83 -9.86 15.92
N ALA A 101 -7.81 -10.05 16.81
CA ALA A 101 -9.21 -9.94 16.40
C ALA A 101 -9.56 -8.51 16.00
N LEU A 102 -9.23 -7.54 16.86
CA LEU A 102 -9.58 -6.12 16.62
C LEU A 102 -8.80 -5.59 15.42
N TRP A 103 -7.81 -6.32 14.90
CA TRP A 103 -7.05 -5.89 13.69
C TRP A 103 -7.52 -6.70 12.50
N PHE A 104 -8.15 -7.83 12.70
CA PHE A 104 -8.87 -8.53 11.61
C PHE A 104 -10.20 -7.86 11.32
N LEU A 105 -10.66 -7.05 12.26
CA LEU A 105 -11.88 -6.29 12.00
C LEU A 105 -11.50 -4.98 11.31
N ASN A 106 -10.33 -4.44 11.64
CA ASN A 106 -9.84 -3.25 10.97
C ASN A 106 -9.50 -3.55 9.51
N GLY A 107 -8.84 -4.68 9.25
CA GLY A 107 -8.51 -5.04 7.89
C GLY A 107 -9.75 -5.33 7.06
N LEU A 108 -10.77 -5.92 7.67
CA LEU A 108 -12.03 -6.13 6.98
C LEU A 108 -12.70 -4.80 6.62
N ALA A 109 -12.66 -3.83 7.54
CA ALA A 109 -13.29 -2.54 7.27
C ALA A 109 -12.50 -1.72 6.26
N GLN A 110 -11.19 -1.96 6.14
CA GLN A 110 -10.34 -1.17 5.25
C GLN A 110 -10.65 -1.39 3.78
N GLY A 111 -11.41 -2.43 3.43
CA GLY A 111 -11.69 -2.69 2.03
C GLY A 111 -12.80 -1.88 1.42
N LEU A 112 -13.51 -1.08 2.22
CA LEU A 112 -14.64 -0.30 1.75
C LEU A 112 -14.27 1.16 1.48
N GLY A 113 -12.98 1.48 1.42
CA GLY A 113 -12.56 2.86 1.24
C GLY A 113 -12.21 3.21 -0.18
N TRP A 114 -11.42 2.37 -0.84
CA TRP A 114 -10.96 2.65 -2.20
C TRP A 114 -12.00 2.32 -3.28
N PRO A 115 -12.67 1.17 -3.24
CA PRO A 115 -13.63 0.84 -4.32
C PRO A 115 -14.70 1.90 -4.52
N PRO A 116 -15.26 2.50 -3.46
CA PRO A 116 -16.25 3.57 -3.69
C PRO A 116 -15.66 4.92 -4.07
N CYS A 117 -14.33 5.06 -4.05
CA CYS A 117 -13.72 6.31 -4.45
C CYS A 117 -13.82 6.56 -5.95
N GLY A 118 -13.91 5.49 -6.76
CA GLY A 118 -14.04 5.66 -8.19
C GLY A 118 -15.45 5.92 -8.66
N LYS A 119 -16.46 5.52 -7.87
CA LYS A 119 -17.84 5.72 -8.27
C LYS A 119 -18.23 7.19 -8.33
N VAL A 120 -17.48 8.07 -7.67
CA VAL A 120 -17.73 9.50 -7.73
C VAL A 120 -16.74 10.13 -8.71
N LEU A 121 -15.55 9.56 -8.82
CA LEU A 121 -14.55 10.07 -9.75
C LEU A 121 -15.03 9.93 -11.20
N ARG A 122 -15.61 8.78 -11.53
CA ARG A 122 -16.06 8.55 -12.91
C ARG A 122 -17.26 9.40 -13.28
N LYS A 123 -18.01 9.90 -12.30
CA LYS A 123 -19.24 10.64 -12.58
C LYS A 123 -19.08 12.15 -12.42
N TRP A 124 -18.11 12.61 -11.63
CA TRP A 124 -17.90 14.03 -11.40
C TRP A 124 -16.91 14.66 -12.37
N PHE A 125 -16.31 13.88 -13.26
CA PHE A 125 -15.23 14.36 -14.11
C PHE A 125 -15.44 13.91 -15.55
N GLU A 126 -14.90 14.70 -16.47
CA GLU A 126 -14.85 14.27 -17.86
C GLU A 126 -13.84 13.14 -18.03
N PRO A 127 -14.06 12.23 -18.98
CA PRO A 127 -13.16 11.08 -19.13
C PRO A 127 -11.77 11.41 -19.62
N SER A 128 -11.46 12.67 -19.88
CA SER A 128 -10.13 13.07 -20.33
C SER A 128 -9.19 13.47 -19.20
N GLN A 129 -9.67 13.48 -17.96
CA GLN A 129 -8.86 13.84 -16.80
C GLN A 129 -8.85 12.77 -15.71
N PHE A 130 -9.58 11.67 -15.90
CA PHE A 130 -9.61 10.63 -14.88
C PHE A 130 -8.24 9.99 -14.70
N GLY A 131 -7.49 9.83 -15.78
CA GLY A 131 -6.19 9.18 -15.68
C GLY A 131 -5.24 9.94 -14.78
N THR A 132 -5.18 11.27 -14.93
CA THR A 132 -4.32 12.07 -14.07
C THR A 132 -4.92 12.27 -12.68
N TRP A 133 -6.26 12.29 -12.57
CA TRP A 133 -6.87 12.48 -11.26
C TRP A 133 -6.67 11.27 -10.37
N TRP A 134 -6.67 10.07 -10.94
CA TRP A 134 -6.36 8.88 -10.18
C TRP A 134 -4.94 8.94 -9.62
N ALA A 135 -3.98 9.36 -10.45
CA ALA A 135 -2.60 9.47 -9.99
C ALA A 135 -2.45 10.53 -8.91
N ILE A 136 -3.16 11.66 -9.06
CA ILE A 136 -3.09 12.71 -8.05
C ILE A 136 -3.67 12.21 -6.72
N LEU A 137 -4.81 11.50 -6.78
CA LEU A 137 -5.43 11.01 -5.55
C LEU A 137 -4.62 9.90 -4.91
N SER A 138 -3.84 9.15 -5.70
CA SER A 138 -3.09 8.03 -5.14
C SER A 138 -1.92 8.47 -4.26
N THR A 139 -1.58 9.75 -4.23
CA THR A 139 -0.49 10.22 -3.38
C THR A 139 -0.91 10.47 -1.94
N SER A 140 -2.21 10.31 -1.63
CA SER A 140 -2.66 10.47 -0.25
C SER A 140 -2.02 9.43 0.66
N MET A 141 -1.88 8.20 0.17
CA MET A 141 -1.23 7.16 0.96
C MET A 141 0.21 7.52 1.28
N ASN A 142 0.95 8.02 0.30
CA ASN A 142 2.33 8.42 0.53
C ASN A 142 2.41 9.61 1.49
N LEU A 143 1.52 10.57 1.34
CA LEU A 143 1.52 11.72 2.26
C LEU A 143 1.23 11.28 3.69
N ALA A 144 0.28 10.36 3.87
CA ALA A 144 -0.06 9.90 5.20
C ALA A 144 1.05 9.03 5.80
N GLY A 145 1.73 8.25 4.96
CA GLY A 145 2.78 7.38 5.45
C GLY A 145 4.13 8.05 5.62
N GLY A 146 4.33 9.22 5.02
CA GLY A 146 5.57 9.95 5.19
C GLY A 146 5.60 10.93 6.33
N LEU A 147 4.54 11.00 7.13
CA LEU A 147 4.46 11.91 8.27
C LEU A 147 4.28 11.19 9.59
N GLY A 148 3.54 10.09 9.62
CA GLY A 148 3.29 9.35 10.82
C GLY A 148 4.50 8.76 11.53
N PRO A 149 5.40 8.08 10.80
CA PRO A 149 6.53 7.43 11.48
C PRO A 149 7.39 8.38 12.30
N ILE A 150 7.60 9.60 11.83
CA ILE A 150 8.42 10.55 12.57
C ILE A 150 7.58 11.28 13.62
N LEU A 151 6.33 11.61 13.29
CA LEU A 151 5.48 12.34 14.22
C LEU A 151 5.20 11.53 15.49
N ALA A 152 4.82 10.26 15.31
CA ALA A 152 4.52 9.42 16.47
C ALA A 152 5.76 9.21 17.34
N THR A 153 6.91 8.94 16.71
CA THR A 153 8.12 8.69 17.47
C THR A 153 8.59 9.94 18.21
N ILE A 154 8.46 11.12 17.59
CA ILE A 154 8.89 12.34 18.24
C ILE A 154 7.87 12.84 19.26
N LEU A 155 6.62 12.36 19.19
CA LEU A 155 5.61 12.73 20.17
C LEU A 155 5.56 11.78 21.35
N ALA A 156 6.02 10.53 21.18
CA ALA A 156 5.98 9.56 22.27
C ALA A 156 6.95 9.88 23.40
N GLN A 157 7.65 11.01 23.37
CA GLN A 157 8.56 11.35 24.46
C GLN A 157 7.81 11.53 25.77
N SER A 158 6.67 12.23 25.74
CA SER A 158 5.90 12.51 26.95
C SER A 158 4.55 11.82 26.99
N TYR A 159 3.99 11.46 25.84
CA TYR A 159 2.68 10.81 25.78
C TYR A 159 2.84 9.39 25.25
N SER A 160 2.12 8.45 25.86
CA SER A 160 2.23 7.05 25.46
C SER A 160 1.52 6.82 24.13
N TRP A 161 1.63 5.59 23.62
CA TRP A 161 0.99 5.25 22.35
C TRP A 161 -0.53 5.18 22.49
N ARG A 162 -1.02 4.92 23.71
CA ARG A 162 -2.47 4.85 23.91
C ARG A 162 -3.14 6.17 23.57
N SER A 163 -2.54 7.28 24.00
CA SER A 163 -3.12 8.59 23.68
C SER A 163 -3.11 8.85 22.18
N THR A 164 -2.03 8.46 21.51
CA THR A 164 -1.96 8.63 20.06
C THR A 164 -3.07 7.86 19.36
N LEU A 165 -3.25 6.59 19.73
CA LEU A 165 -4.27 5.77 19.09
C LEU A 165 -5.67 6.31 19.39
N ALA A 166 -5.93 6.72 20.64
CA ALA A 166 -7.23 7.26 20.98
C ALA A 166 -7.53 8.53 20.22
N LEU A 167 -6.55 9.43 20.11
CA LEU A 167 -6.78 10.68 19.38
C LEU A 167 -6.98 10.42 17.90
N SER A 168 -6.23 9.48 17.33
CA SER A 168 -6.45 9.12 15.92
C SER A 168 -7.85 8.58 15.70
N GLY A 169 -8.32 7.71 16.62
CA GLY A 169 -9.67 7.20 16.49
C GLY A 169 -10.72 8.28 16.60
N ALA A 170 -10.56 9.20 17.55
CA ALA A 170 -11.52 10.29 17.69
C ALA A 170 -11.55 11.17 16.45
N LEU A 171 -10.38 11.48 15.90
CA LEU A 171 -10.32 12.28 14.68
C LEU A 171 -11.01 11.57 13.52
N CYS A 172 -10.78 10.26 13.39
CA CYS A 172 -11.45 9.50 12.34
C CYS A 172 -12.96 9.53 12.52
N VAL A 173 -13.43 9.38 13.76
CA VAL A 173 -14.86 9.38 14.02
C VAL A 173 -15.47 10.72 13.63
N VAL A 174 -14.83 11.83 14.00
CA VAL A 174 -15.38 13.14 13.69
C VAL A 174 -15.37 13.40 12.19
N VAL A 175 -14.25 13.10 11.52
CA VAL A 175 -14.17 13.31 10.09
C VAL A 175 -15.13 12.40 9.34
N SER A 176 -15.55 11.28 9.92
CA SER A 176 -16.58 10.46 9.29
C SER A 176 -17.86 11.27 9.05
N PHE A 177 -18.35 11.93 10.09
CA PHE A 177 -19.53 12.79 9.93
C PHE A 177 -19.22 13.97 9.03
N LEU A 178 -18.04 14.59 9.21
CA LEU A 178 -17.69 15.76 8.41
C LEU A 178 -17.59 15.44 6.93
N CYS A 179 -17.33 14.19 6.57
CA CYS A 179 -17.25 13.76 5.18
C CYS A 179 -18.57 13.22 4.67
N LEU A 180 -19.40 12.64 5.56
CA LEU A 180 -20.74 12.26 5.15
C LEU A 180 -21.58 13.47 4.82
N LEU A 181 -21.37 14.58 5.52
CA LEU A 181 -22.16 15.78 5.27
C LEU A 181 -21.78 16.50 3.98
N LEU A 182 -20.68 16.14 3.33
CA LEU A 182 -20.16 16.91 2.21
C LEU A 182 -20.13 16.13 0.89
N ILE A 183 -19.75 14.85 0.91
CA ILE A 183 -19.59 14.10 -0.32
C ILE A 183 -20.94 13.90 -0.99
N HIS A 184 -20.99 14.12 -2.30
CA HIS A 184 -22.18 13.88 -3.10
C HIS A 184 -21.90 12.75 -4.08
N ASN A 185 -22.78 11.73 -4.09
CA ASN A 185 -22.55 10.56 -4.91
C ASN A 185 -22.63 10.89 -6.39
N GLU A 186 -23.69 11.56 -6.81
CA GLU A 186 -23.90 11.94 -8.19
C GLU A 186 -24.40 13.39 -8.22
N PRO A 187 -24.19 14.10 -9.32
CA PRO A 187 -24.63 15.49 -9.37
C PRO A 187 -26.15 15.60 -9.46
N ALA A 188 -26.79 15.93 -8.34
CA ALA A 188 -28.23 16.13 -8.29
C ALA A 188 -28.62 17.27 -7.36
N ASP A 189 -27.70 18.23 -7.15
CA ASP A 189 -27.95 19.32 -6.21
C ASP A 189 -28.86 20.38 -6.84
N VAL A 190 -28.39 21.04 -7.89
CA VAL A 190 -29.21 21.99 -8.64
C VAL A 190 -29.66 21.42 -9.97
N GLY A 191 -29.06 20.31 -10.42
CA GLY A 191 -29.37 19.70 -11.69
C GLY A 191 -28.20 19.77 -12.65
N LEU A 192 -27.44 18.69 -12.72
CA LEU A 192 -26.26 18.59 -13.57
C LEU A 192 -26.27 17.23 -14.24
N ARG A 193 -25.72 17.17 -15.46
CA ARG A 193 -25.71 15.91 -16.21
C ARG A 193 -24.56 15.92 -17.20
N ASN A 194 -24.22 14.73 -17.69
CA ASN A 194 -23.15 14.57 -18.65
C ASN A 194 -23.48 15.23 -19.98
N GLU A 210 -15.63 -15.47 -28.46
CA GLU A 210 -15.32 -14.05 -28.29
C GLU A 210 -14.46 -13.85 -27.05
N SER A 211 -15.07 -13.35 -25.98
CA SER A 211 -14.39 -13.11 -24.71
C SER A 211 -14.99 -14.02 -23.66
N THR A 212 -14.12 -14.69 -22.88
CA THR A 212 -14.57 -15.60 -21.84
C THR A 212 -13.48 -15.71 -20.79
N LEU A 213 -13.85 -16.26 -19.63
CA LEU A 213 -12.88 -16.40 -18.55
C LEU A 213 -11.83 -17.45 -18.88
N GLN A 214 -12.19 -18.49 -19.61
CA GLN A 214 -11.23 -19.51 -20.00
C GLN A 214 -10.13 -18.93 -20.86
N GLU A 215 -10.48 -18.05 -21.81
CA GLU A 215 -9.51 -17.44 -22.69
C GLU A 215 -8.75 -16.30 -22.03
N LEU A 216 -9.13 -15.92 -20.81
CA LEU A 216 -8.42 -14.90 -20.05
C LEU A 216 -7.43 -15.49 -19.05
N LEU A 217 -7.83 -16.55 -18.35
CA LEU A 217 -6.92 -17.17 -17.39
C LEU A 217 -5.82 -17.97 -18.05
N LEU A 218 -6.07 -18.50 -19.25
CA LEU A 218 -5.11 -19.38 -19.91
C LEU A 218 -3.94 -18.63 -20.53
N SER A 219 -4.03 -17.31 -20.67
CA SER A 219 -2.94 -16.56 -21.29
C SER A 219 -1.75 -16.48 -20.35
N PRO A 220 -0.55 -16.94 -20.76
CA PRO A 220 0.62 -16.96 -19.88
C PRO A 220 1.31 -15.61 -19.73
N TYR A 221 0.52 -14.57 -19.48
CA TYR A 221 1.08 -13.25 -19.19
C TYR A 221 0.45 -12.69 -17.92
N LEU A 222 -0.80 -13.06 -17.67
CA LEU A 222 -1.47 -12.61 -16.46
C LEU A 222 -0.75 -13.14 -15.23
N TRP A 223 -0.31 -14.39 -15.27
CA TRP A 223 0.40 -14.95 -14.13
C TRP A 223 1.79 -14.35 -13.97
N VAL A 224 2.44 -13.99 -15.08
CA VAL A 224 3.74 -13.31 -14.97
C VAL A 224 3.57 -11.95 -14.30
N LEU A 225 2.59 -11.17 -14.75
CA LEU A 225 2.32 -9.89 -14.11
C LEU A 225 1.93 -10.06 -12.65
N SER A 226 1.10 -11.06 -12.37
CA SER A 226 0.62 -11.29 -11.02
C SER A 226 1.76 -11.67 -10.07
N THR A 227 2.66 -12.55 -10.52
CA THR A 227 3.77 -12.93 -9.65
C THR A 227 4.80 -11.82 -9.52
N GLY A 228 4.92 -11.05 -10.58
CA GLY A 228 5.76 -9.86 -10.51
C GLY A 228 5.23 -8.97 -9.42
N TYR A 229 3.93 -9.03 -9.12
CA TYR A 229 3.32 -8.13 -8.11
C TYR A 229 3.32 -8.76 -6.73
N LEU A 230 3.07 -10.07 -6.64
CA LEU A 230 3.24 -10.75 -5.33
C LEU A 230 4.70 -10.63 -4.89
N VAL A 231 5.66 -10.35 -5.77
CA VAL A 231 7.02 -10.31 -5.25
C VAL A 231 7.33 -8.88 -4.84
N VAL A 232 6.99 -7.92 -5.70
CA VAL A 232 7.32 -6.52 -5.41
C VAL A 232 6.58 -6.06 -4.15
N PHE A 233 5.29 -6.36 -4.07
CA PHE A 233 4.49 -5.91 -2.92
C PHE A 233 4.95 -6.59 -1.64
N GLY A 234 5.25 -7.89 -1.68
CA GLY A 234 5.73 -8.56 -0.49
C GLY A 234 7.05 -8.00 0.00
N VAL A 235 7.99 -7.75 -0.92
CA VAL A 235 9.28 -7.20 -0.53
C VAL A 235 9.10 -5.81 0.06
N LYS A 236 8.28 -4.97 -0.58
CA LYS A 236 8.07 -3.61 -0.08
C LYS A 236 7.43 -3.63 1.29
N THR A 237 6.41 -4.47 1.50
CA THR A 237 5.74 -4.52 2.80
C THR A 237 6.67 -5.03 3.88
N CYS A 238 7.45 -6.07 3.57
CA CYS A 238 8.40 -6.62 4.58
C CYS A 238 9.41 -5.54 4.97
N CYS A 239 9.99 -4.85 3.98
CA CYS A 239 10.97 -3.80 4.27
C CYS A 239 10.36 -2.68 5.10
N THR A 240 9.18 -2.20 4.69
CA THR A 240 8.54 -1.10 5.40
C THR A 240 8.22 -1.47 6.84
N ASP A 241 7.73 -2.69 7.07
CA ASP A 241 7.30 -3.08 8.40
C ASP A 241 8.48 -3.40 9.33
N TRP A 242 9.57 -3.95 8.81
CA TRP A 242 10.63 -4.47 9.67
C TRP A 242 11.96 -3.70 9.57
N GLY A 243 12.02 -2.62 8.79
CA GLY A 243 13.25 -1.84 8.74
C GLY A 243 13.59 -1.20 10.07
N GLN A 244 12.57 -0.70 10.78
CA GLN A 244 12.82 -0.09 12.09
C GLN A 244 13.40 -1.10 13.06
N PHE A 245 12.91 -2.35 13.03
CA PHE A 245 13.41 -3.36 13.93
C PHE A 245 14.82 -3.80 13.53
N PHE A 246 15.07 -3.92 12.22
CA PHE A 246 16.41 -4.25 11.77
C PHE A 246 17.41 -3.19 12.19
N LEU A 247 17.00 -1.92 12.17
CA LEU A 247 17.90 -0.83 12.55
C LEU A 247 18.09 -0.77 14.07
N ILE A 248 17.01 -0.96 14.84
CA ILE A 248 17.11 -0.85 16.28
C ILE A 248 17.91 -2.00 16.86
N GLN A 249 17.59 -3.23 16.46
CA GLN A 249 18.31 -4.40 16.94
C GLN A 249 19.49 -4.69 16.01
N GLU A 250 20.23 -5.76 16.34
CA GLU A 250 21.44 -6.12 15.57
C GLU A 250 22.31 -4.87 15.52
N LYS A 251 22.50 -4.30 14.34
CA LYS A 251 23.26 -3.06 14.21
C LYS A 251 22.77 -1.99 15.17
N GLY A 252 23.71 -1.28 15.78
CA GLY A 252 23.35 -0.34 16.84
C GLY A 252 22.96 1.03 16.34
N GLN A 253 21.65 1.28 16.30
CA GLN A 253 21.12 2.60 15.99
C GLN A 253 19.94 2.89 16.92
N SER A 254 19.69 4.17 17.16
CA SER A 254 18.62 4.57 18.05
C SER A 254 17.26 4.35 17.39
N ALA A 255 16.20 4.59 18.16
CA ALA A 255 14.85 4.44 17.64
C ALA A 255 14.48 5.55 16.67
N LEU A 256 15.02 6.75 16.87
CA LEU A 256 14.70 7.87 15.98
C LEU A 256 15.22 7.62 14.57
N VAL A 257 16.41 7.04 14.45
CA VAL A 257 16.96 6.76 13.12
C VAL A 257 16.12 5.74 12.40
N GLY A 258 15.64 4.71 13.11
CA GLY A 258 14.79 3.72 12.48
C GLY A 258 13.47 4.29 12.00
N SER A 259 12.86 5.17 12.80
CA SER A 259 11.61 5.80 12.38
C SER A 259 11.80 6.67 11.16
N SER A 260 12.91 7.44 11.12
CA SER A 260 13.16 8.32 9.97
C SER A 260 13.44 7.54 8.70
N TYR A 261 13.80 6.26 8.81
CA TYR A 261 13.98 5.43 7.61
C TYR A 261 12.66 5.25 6.87
N MET A 262 11.57 5.01 7.59
CA MET A 262 10.27 4.86 6.95
C MET A 262 9.82 6.15 6.29
N SER A 263 9.99 7.28 6.98
CA SER A 263 9.59 8.56 6.40
C SER A 263 10.39 8.88 5.14
N ALA A 264 11.69 8.56 5.14
CA ALA A 264 12.48 8.73 3.94
C ALA A 264 12.10 7.73 2.85
N LEU A 265 11.57 6.58 3.23
CA LEU A 265 11.12 5.61 2.24
C LEU A 265 9.91 6.12 1.47
N GLU A 266 8.98 6.77 2.16
CA GLU A 266 7.79 7.31 1.49
C GLU A 266 8.06 8.61 0.77
N VAL A 267 9.13 9.34 1.13
CA VAL A 267 9.46 10.56 0.42
C VAL A 267 9.83 10.26 -1.03
N GLY A 268 10.64 9.23 -1.25
CA GLY A 268 10.93 8.79 -2.60
C GLY A 268 9.80 8.04 -3.26
N GLY A 269 8.90 7.45 -2.47
CA GLY A 269 7.76 6.75 -3.06
C GLY A 269 6.81 7.69 -3.77
N LEU A 270 6.63 8.89 -3.22
CA LEU A 270 5.77 9.88 -3.87
C LEU A 270 6.32 10.27 -5.24
N VAL A 271 7.63 10.43 -5.34
CA VAL A 271 8.25 10.79 -6.62
C VAL A 271 8.08 9.65 -7.62
N GLY A 272 8.18 8.41 -7.15
CA GLY A 272 8.09 7.28 -8.07
C GLY A 272 6.71 7.13 -8.70
N SER A 273 5.66 7.29 -7.91
CA SER A 273 4.31 7.11 -8.44
C SER A 273 3.93 8.24 -9.39
N ILE A 274 4.36 9.46 -9.09
CA ILE A 274 3.97 10.61 -9.90
C ILE A 274 4.86 10.82 -11.12
N ALA A 275 5.99 10.10 -11.20
CA ALA A 275 6.89 10.21 -12.34
C ALA A 275 6.97 8.94 -13.16
N ALA A 276 6.32 7.85 -12.72
CA ALA A 276 6.32 6.62 -13.51
C ALA A 276 5.63 6.84 -14.85
N GLY A 277 4.49 7.52 -14.86
CA GLY A 277 3.81 7.79 -16.10
C GLY A 277 4.57 8.73 -17.01
N TYR A 278 5.27 9.71 -16.43
CA TYR A 278 6.04 10.66 -17.22
C TYR A 278 7.15 9.96 -18.00
N LEU A 279 7.85 9.02 -17.36
CA LEU A 279 8.96 8.32 -17.99
C LEU A 279 8.51 7.15 -18.86
N SER A 280 7.25 6.73 -18.77
CA SER A 280 6.81 5.55 -19.51
C SER A 280 6.59 5.86 -20.99
N ASP A 281 5.65 6.75 -21.28
CA ASP A 281 5.31 7.04 -22.70
C ASP A 281 6.45 7.80 -23.41
N ARG A 282 7.08 8.75 -22.72
CA ARG A 282 8.12 9.56 -23.33
C ARG A 282 9.41 8.75 -23.50
N ALA A 283 10.42 9.40 -24.07
CA ALA A 283 11.73 8.80 -24.31
C ALA A 283 11.60 7.51 -25.12
N MET A 284 11.91 6.38 -24.48
CA MET A 284 11.80 5.09 -25.16
C MET A 284 10.33 4.78 -25.47
N ALA A 285 10.07 4.35 -26.70
CA ALA A 285 8.72 4.04 -27.13
C ALA A 285 8.72 3.08 -28.31
N TYR A 292 5.80 -10.26 -28.58
CA TYR A 292 5.16 -8.99 -28.23
C TYR A 292 5.90 -8.28 -27.10
N GLY A 293 5.33 -7.20 -26.62
CA GLY A 293 5.93 -6.45 -25.53
C GLY A 293 5.32 -5.07 -25.42
N ASN A 294 5.84 -4.32 -24.45
CA ASN A 294 5.41 -2.95 -24.20
C ASN A 294 6.64 -2.09 -24.01
N PRO A 295 6.55 -0.79 -24.33
CA PRO A 295 7.71 0.08 -24.16
C PRO A 295 7.87 0.57 -22.73
N ARG A 296 7.69 -0.34 -21.77
CA ARG A 296 7.92 -0.04 -20.35
C ARG A 296 8.68 -1.16 -19.64
N HIS A 297 8.94 -2.28 -20.31
CA HIS A 297 9.63 -3.39 -19.65
C HIS A 297 11.05 -3.01 -19.26
N GLY A 298 11.75 -2.26 -20.10
CA GLY A 298 13.09 -1.84 -19.75
C GLY A 298 13.13 -0.98 -18.50
N LEU A 299 12.22 0.01 -18.42
CA LEU A 299 12.15 0.84 -17.23
C LEU A 299 11.77 0.02 -16.00
N LEU A 300 10.82 -0.91 -16.15
CA LEU A 300 10.42 -1.75 -15.02
C LEU A 300 11.58 -2.61 -14.52
N LEU A 301 12.34 -3.20 -15.46
CA LEU A 301 13.50 -4.01 -15.07
C LEU A 301 14.57 -3.16 -14.39
N PHE A 302 14.79 -1.95 -14.90
CA PHE A 302 15.77 -1.07 -14.26
C PHE A 302 15.33 -0.70 -12.85
N MET A 303 14.04 -0.43 -12.65
CA MET A 303 13.54 -0.14 -11.32
C MET A 303 13.71 -1.33 -10.38
N MET A 304 13.40 -2.53 -10.85
CA MET A 304 13.57 -3.72 -10.02
C MET A 304 15.03 -3.94 -9.66
N ALA A 305 15.95 -3.76 -10.62
CA ALA A 305 17.36 -3.92 -10.35
C ALA A 305 17.85 -2.89 -9.34
N GLY A 306 17.38 -1.65 -9.47
CA GLY A 306 17.71 -0.64 -8.48
C GLY A 306 17.22 -0.99 -7.09
N MET A 307 16.03 -1.62 -7.02
CA MET A 307 15.39 -2.05 -5.72
C MET A 307 16.21 -3.16 -5.08
N THR A 308 16.74 -4.05 -5.91
CA THR A 308 17.59 -5.13 -5.40
C THR A 308 18.94 -4.61 -4.95
N VAL A 309 19.57 -3.74 -5.74
CA VAL A 309 20.89 -3.22 -5.40
C VAL A 309 20.81 -2.40 -4.11
N SER A 310 19.79 -1.55 -3.98
CA SER A 310 19.65 -0.74 -2.78
C SER A 310 19.41 -1.61 -1.55
N MET A 311 18.59 -2.65 -1.69
CA MET A 311 18.34 -3.52 -0.54
C MET A 311 19.59 -4.29 -0.12
N TYR A 312 20.37 -4.77 -1.11
CA TYR A 312 21.64 -5.42 -0.77
C TYR A 312 22.58 -4.46 -0.07
N LEU A 313 22.69 -3.22 -0.56
CA LEU A 313 23.58 -2.25 0.06
C LEU A 313 23.13 -1.92 1.47
N PHE A 314 21.81 -1.82 1.69
CA PHE A 314 21.32 -1.60 3.04
C PHE A 314 21.65 -2.76 3.96
N ARG A 315 21.54 -3.99 3.45
CA ARG A 315 21.85 -5.15 4.28
C ARG A 315 23.34 -5.20 4.65
N VAL A 316 24.22 -4.89 3.70
CA VAL A 316 25.64 -5.11 3.92
C VAL A 316 26.35 -3.88 4.48
N THR A 317 26.28 -2.77 3.75
CA THR A 317 27.13 -1.61 4.08
C THR A 317 26.77 -1.00 5.43
N VAL A 318 25.47 -0.90 5.75
CA VAL A 318 25.06 -0.22 6.97
C VAL A 318 25.58 -0.96 8.18
N THR A 319 26.22 -0.23 9.10
CA THR A 319 26.86 -0.82 10.27
C THR A 319 26.52 0.09 11.45
N SER A 320 27.03 -0.24 12.64
CA SER A 320 26.74 0.55 13.84
C SER A 320 27.22 1.99 13.68
N ASP A 321 28.40 2.19 13.12
CA ASP A 321 28.96 3.52 12.90
C ASP A 321 28.79 3.85 11.42
N SER A 322 27.83 4.72 11.12
CA SER A 322 27.57 5.16 9.76
C SER A 322 26.75 6.44 9.80
N PRO A 323 27.10 7.45 9.00
CA PRO A 323 26.28 8.66 8.96
C PRO A 323 24.85 8.35 8.54
N LYS A 324 23.90 9.04 9.16
CA LYS A 324 22.49 8.79 8.87
C LYS A 324 22.11 9.19 7.45
N LEU A 325 22.90 10.05 6.80
CA LEU A 325 22.58 10.46 5.44
C LEU A 325 22.61 9.27 4.49
N TRP A 326 23.54 8.34 4.69
CA TRP A 326 23.60 7.15 3.87
C TRP A 326 22.33 6.31 4.03
N ILE A 327 21.86 6.15 5.27
CA ILE A 327 20.65 5.38 5.52
C ILE A 327 19.45 6.04 4.86
N LEU A 328 19.33 7.37 5.01
CA LEU A 328 18.21 8.07 4.41
C LEU A 328 18.24 8.00 2.89
N VAL A 329 19.44 8.10 2.31
CA VAL A 329 19.57 8.00 0.86
C VAL A 329 19.17 6.61 0.37
N LEU A 330 19.62 5.56 1.08
CA LEU A 330 19.23 4.21 0.71
C LEU A 330 17.73 4.02 0.81
N GLY A 331 17.11 4.56 1.87
CA GLY A 331 15.67 4.44 2.01
C GLY A 331 14.91 5.15 0.90
N ALA A 332 15.34 6.36 0.55
CA ALA A 332 14.69 7.10 -0.52
C ALA A 332 14.84 6.38 -1.86
N VAL A 333 16.03 5.86 -2.14
CA VAL A 333 16.25 5.14 -3.40
C VAL A 333 15.39 3.88 -3.45
N PHE A 334 15.31 3.14 -2.34
CA PHE A 334 14.46 1.96 -2.32
C PHE A 334 12.99 2.32 -2.51
N GLY A 335 12.54 3.40 -1.87
CA GLY A 335 11.16 3.82 -2.05
C GLY A 335 10.86 4.20 -3.48
N PHE A 336 11.77 4.93 -4.12
CA PHE A 336 11.58 5.30 -5.53
C PHE A 336 11.57 4.07 -6.43
N SER A 337 12.45 3.11 -6.15
CA SER A 337 12.54 1.91 -6.98
C SER A 337 11.41 0.92 -6.71
N SER A 338 10.72 1.05 -5.58
CA SER A 338 9.64 0.13 -5.24
C SER A 338 8.25 0.67 -5.54
N TYR A 339 8.04 1.98 -5.46
CA TYR A 339 6.73 2.56 -5.72
C TYR A 339 6.48 2.87 -7.19
N GLY A 340 7.50 2.74 -8.03
CA GLY A 340 7.33 2.91 -9.46
C GLY A 340 6.72 1.71 -10.14
N PRO A 341 7.27 0.52 -9.90
CA PRO A 341 6.67 -0.69 -10.50
C PRO A 341 5.23 -0.91 -10.12
N ILE A 342 4.77 -0.45 -8.96
CA ILE A 342 3.36 -0.60 -8.60
C ILE A 342 2.47 0.17 -9.57
N ALA A 343 2.82 1.44 -9.82
CA ALA A 343 2.06 2.23 -10.78
C ALA A 343 2.19 1.67 -12.19
N LEU A 344 3.39 1.20 -12.55
CA LEU A 344 3.58 0.61 -13.88
C LEU A 344 2.70 -0.62 -14.06
N PHE A 345 2.64 -1.49 -13.05
CA PHE A 345 1.77 -2.66 -13.12
C PHE A 345 0.31 -2.26 -13.21
N GLY A 346 -0.10 -1.26 -12.41
CA GLY A 346 -1.48 -0.82 -12.46
C GLY A 346 -1.86 -0.28 -13.82
N VAL A 347 -0.96 0.44 -14.47
CA VAL A 347 -1.24 0.95 -15.82
C VAL A 347 -1.27 -0.18 -16.83
N ILE A 348 -0.29 -1.08 -16.77
CA ILE A 348 -0.11 -2.08 -17.82
C ILE A 348 -1.22 -3.13 -17.76
N ALA A 349 -1.67 -3.48 -16.55
CA ALA A 349 -2.73 -4.48 -16.43
C ALA A 349 -4.04 -3.96 -17.04
N ASN A 350 -4.36 -2.69 -16.81
CA ASN A 350 -5.58 -2.12 -17.37
C ASN A 350 -5.43 -1.88 -18.87
N GLU A 351 -4.24 -1.53 -19.33
CA GLU A 351 -4.08 -1.24 -20.76
C GLU A 351 -4.08 -2.50 -21.60
N SER A 352 -3.49 -3.58 -21.08
CA SER A 352 -3.42 -4.83 -21.84
C SER A 352 -4.58 -5.77 -21.56
N ALA A 353 -5.57 -5.34 -20.78
CA ALA A 353 -6.71 -6.19 -20.46
C ALA A 353 -7.56 -6.42 -21.70
N PRO A 354 -8.25 -7.56 -21.78
CA PRO A 354 -9.15 -7.80 -22.91
C PRO A 354 -10.34 -6.86 -22.85
N PRO A 355 -10.96 -6.58 -23.99
CA PRO A 355 -12.10 -5.65 -24.00
C PRO A 355 -13.26 -6.15 -23.16
N ASN A 356 -13.95 -5.21 -22.51
CA ASN A 356 -15.11 -5.48 -21.66
C ASN A 356 -14.78 -6.37 -20.47
N LEU A 357 -13.48 -6.52 -20.15
CA LEU A 357 -13.06 -7.33 -19.02
C LEU A 357 -12.18 -6.53 -18.06
N CYS A 358 -12.20 -5.21 -18.15
CA CYS A 358 -11.50 -4.39 -17.19
C CYS A 358 -12.20 -4.43 -15.84
N GLY A 359 -11.43 -4.18 -14.78
CA GLY A 359 -11.95 -4.33 -13.44
C GLY A 359 -11.78 -5.74 -12.95
N THR A 360 -12.36 -6.70 -13.67
CA THR A 360 -12.12 -8.10 -13.35
C THR A 360 -10.75 -8.59 -13.83
N SER A 361 -10.11 -7.85 -14.75
CA SER A 361 -8.71 -8.12 -15.05
C SER A 361 -7.77 -7.49 -14.04
N HIS A 362 -8.27 -6.63 -13.14
CA HIS A 362 -7.48 -6.03 -12.09
C HIS A 362 -7.76 -6.61 -10.71
N ALA A 363 -8.93 -7.21 -10.51
CA ALA A 363 -9.26 -7.81 -9.22
C ALA A 363 -8.32 -8.96 -8.89
N ILE A 364 -8.00 -9.81 -9.87
CA ILE A 364 -7.08 -10.91 -9.63
C ILE A 364 -5.70 -10.40 -9.28
N VAL A 365 -5.23 -9.38 -10.01
CA VAL A 365 -3.92 -8.81 -9.76
C VAL A 365 -3.86 -8.21 -8.35
N GLY A 366 -4.90 -7.48 -7.96
CA GLY A 366 -4.94 -6.93 -6.61
C GLY A 366 -5.01 -8.00 -5.54
N LEU A 367 -5.77 -9.06 -5.78
CA LEU A 367 -5.86 -10.15 -4.82
C LEU A 367 -4.51 -10.82 -4.61
N MET A 368 -3.78 -11.07 -5.69
CA MET A 368 -2.48 -11.71 -5.54
C MET A 368 -1.46 -10.76 -4.95
N ALA A 369 -1.54 -9.47 -5.24
CA ALA A 369 -0.67 -8.51 -4.57
C ALA A 369 -0.93 -8.50 -3.07
N ASN A 370 -2.20 -8.54 -2.67
CA ASN A 370 -2.54 -8.57 -1.25
C ASN A 370 -2.06 -9.85 -0.58
N VAL A 371 -2.18 -10.99 -1.27
CA VAL A 371 -1.70 -12.23 -0.67
C VAL A 371 -0.18 -12.23 -0.57
N GLY A 372 0.51 -11.59 -1.53
CA GLY A 372 1.95 -11.44 -1.40
C GLY A 372 2.32 -10.56 -0.23
N GLY A 373 1.55 -9.49 0.00
CA GLY A 373 1.76 -8.69 1.20
C GLY A 373 1.52 -9.49 2.46
N PHE A 374 0.53 -10.38 2.44
CA PHE A 374 0.27 -11.25 3.59
C PHE A 374 1.45 -12.18 3.84
N LEU A 375 2.08 -12.69 2.78
CA LEU A 375 3.21 -13.60 2.93
C LEU A 375 4.38 -12.96 3.67
N ALA A 376 4.44 -11.63 3.71
CA ALA A 376 5.51 -10.91 4.41
C ALA A 376 5.17 -10.64 5.87
N GLY A 377 4.29 -11.45 6.47
CA GLY A 377 3.90 -11.28 7.85
C GLY A 377 4.41 -12.39 8.75
N LEU A 378 3.55 -13.37 9.02
CA LEU A 378 3.95 -14.49 9.88
C LEU A 378 5.13 -15.30 9.34
N PRO A 379 5.20 -15.67 8.06
CA PRO A 379 6.40 -16.40 7.60
C PRO A 379 7.69 -15.62 7.76
N PHE A 380 7.68 -14.33 7.42
CA PHE A 380 8.87 -13.51 7.62
C PHE A 380 9.24 -13.41 9.09
N SER A 381 8.22 -13.25 9.94
CA SER A 381 8.45 -13.15 11.40
C SER A 381 9.10 -14.44 11.91
N THR A 382 8.60 -15.61 11.47
CA THR A 382 9.14 -16.86 11.98
C THR A 382 10.52 -17.15 11.40
N ILE A 383 10.79 -16.74 10.16
CA ILE A 383 12.14 -16.85 9.63
C ILE A 383 13.12 -16.02 10.44
N ALA A 384 12.73 -14.78 10.77
CA ALA A 384 13.58 -13.93 11.60
C ALA A 384 13.75 -14.52 13.00
N LYS A 385 12.68 -15.06 13.56
CA LYS A 385 12.74 -15.63 14.90
C LYS A 385 13.65 -16.84 14.96
N HIS A 386 13.62 -17.68 13.92
CA HIS A 386 14.43 -18.90 13.95
C HIS A 386 15.92 -18.58 13.90
N TYR A 387 16.35 -17.72 12.97
CA TYR A 387 17.76 -17.42 12.82
C TYR A 387 18.12 -15.97 13.12
N SER A 388 17.58 -15.01 12.36
CA SER A 388 17.90 -13.60 12.53
C SER A 388 17.13 -12.79 11.49
N TRP A 389 17.18 -11.46 11.65
CA TRP A 389 16.63 -10.56 10.63
C TRP A 389 17.45 -10.62 9.36
N SER A 390 18.78 -10.73 9.49
CA SER A 390 19.66 -10.67 8.34
C SER A 390 19.38 -11.81 7.38
N THR A 391 19.13 -13.02 7.92
CA THR A 391 18.77 -14.13 7.06
C THR A 391 17.46 -13.88 6.32
N ALA A 392 16.48 -13.28 6.99
CA ALA A 392 15.20 -12.99 6.34
C ALA A 392 15.39 -12.02 5.18
N PHE A 393 16.17 -10.96 5.40
CA PHE A 393 16.40 -10.01 4.30
C PHE A 393 17.27 -10.63 3.21
N TRP A 394 18.16 -11.55 3.56
CA TRP A 394 18.91 -12.30 2.57
C TRP A 394 17.96 -13.10 1.67
N VAL A 395 16.99 -13.78 2.28
CA VAL A 395 16.01 -14.55 1.50
C VAL A 395 15.20 -13.61 0.61
N ALA A 396 14.78 -12.47 1.15
CA ALA A 396 14.03 -11.51 0.36
C ALA A 396 14.82 -11.02 -0.84
N GLU A 397 16.10 -10.70 -0.63
CA GLU A 397 16.95 -10.22 -1.73
C GLU A 397 17.15 -11.30 -2.78
N VAL A 398 17.33 -12.55 -2.35
CA VAL A 398 17.49 -13.65 -3.30
C VAL A 398 16.22 -13.82 -4.13
N ILE A 399 15.06 -13.74 -3.48
CA ILE A 399 13.79 -13.87 -4.19
C ILE A 399 13.65 -12.75 -5.22
N CYS A 400 13.96 -11.52 -4.81
CA CYS A 400 13.84 -10.39 -5.73
C CYS A 400 14.79 -10.52 -6.91
N ALA A 401 16.04 -10.95 -6.67
CA ALA A 401 16.99 -11.12 -7.76
C ALA A 401 16.54 -12.21 -8.72
N ALA A 402 16.03 -13.32 -8.19
CA ALA A 402 15.55 -14.39 -9.05
C ALA A 402 14.38 -13.93 -9.91
N SER A 403 13.45 -13.19 -9.30
CA SER A 403 12.31 -12.67 -10.06
C SER A 403 12.76 -11.70 -11.13
N THR A 404 13.73 -10.84 -10.82
CA THR A 404 14.24 -9.90 -11.81
C THR A 404 14.89 -10.63 -12.98
N ALA A 405 15.67 -11.67 -12.68
CA ALA A 405 16.30 -12.45 -13.75
C ALA A 405 15.26 -13.14 -14.62
N ALA A 406 14.22 -13.71 -13.97
CA ALA A 406 13.16 -14.36 -14.73
C ALA A 406 12.43 -13.38 -15.63
N PHE A 407 12.17 -12.18 -15.11
CA PHE A 407 11.50 -11.15 -15.94
C PHE A 407 12.41 -10.78 -17.12
N PHE A 408 13.71 -10.60 -16.85
CA PHE A 408 14.63 -10.23 -17.92
C PHE A 408 14.69 -11.29 -19.01
N LEU A 409 14.68 -12.56 -18.65
CA LEU A 409 14.70 -13.63 -19.64
C LEU A 409 13.39 -13.74 -20.41
N LEU A 410 12.27 -13.40 -19.75
CA LEU A 410 10.94 -13.56 -20.39
C LEU A 410 10.40 -12.19 -20.81
N ARG A 411 10.67 -11.77 -22.05
CA ARG A 411 10.12 -10.52 -22.55
C ARG A 411 9.14 -10.72 -23.69
N ASN A 412 9.53 -11.48 -24.72
CA ASN A 412 8.71 -11.66 -25.91
C ASN A 412 7.62 -12.71 -25.68
N ILE A 413 6.57 -12.28 -24.98
CA ILE A 413 5.41 -13.13 -24.72
C ILE A 413 4.16 -12.34 -25.09
N ARG A 414 3.08 -13.06 -25.37
CA ARG A 414 1.85 -12.45 -25.83
C ARG A 414 1.26 -11.56 -24.74
N THR A 415 1.05 -10.29 -25.07
CA THR A 415 0.47 -9.31 -24.15
C THR A 415 -0.86 -8.77 -24.66
N LYS A 416 -1.59 -9.58 -25.43
CA LYS A 416 -2.87 -9.19 -25.99
C LYS A 416 -3.93 -10.21 -25.58
N MET A 417 -3.97 -10.51 -24.28
CA MET A 417 -4.78 -11.59 -23.76
C MET A 417 -6.26 -11.36 -24.04
N GLY A 418 -6.98 -12.46 -24.28
CA GLY A 418 -8.42 -12.40 -24.45
C GLY A 418 -8.90 -12.96 -25.78
N ARG A 419 -8.19 -12.68 -26.86
CA ARG A 419 -8.60 -13.13 -28.18
C ARG A 419 -7.46 -12.98 -29.19
N VAL A 420 -7.21 -14.03 -29.96
CA VAL A 420 -6.16 -13.99 -30.98
C VAL A 420 -6.56 -14.83 -32.19
C1 BG6 B . -2.30 1.77 -5.48
C2 BG6 B . -2.60 0.84 -6.65
O1 BG6 B . -0.98 1.61 -5.07
O5 BG6 B . -3.12 1.47 -4.39
C3 BG6 B . -4.05 1.05 -7.03
O2 BG6 B . -1.76 1.14 -7.73
C4 BG6 B . -4.84 0.61 -5.81
O3 BG6 B . -4.43 0.26 -8.12
C5 BG6 B . -4.48 1.55 -4.67
O4 BG6 B . -6.20 0.70 -6.10
C6 BG6 B . -5.26 1.09 -3.43
O6 BG6 B . -4.38 0.94 -2.35
P BG6 B . -4.14 -0.57 -1.74
O1P BG6 B . -2.80 -1.11 -2.15
O2P BG6 B . -4.20 -0.50 -0.24
O3P BG6 B . -5.22 -1.47 -2.26
#